data_5CGJ
#
_entry.id   5CGJ
#
_cell.length_a   103.410
_cell.length_b   103.410
_cell.length_c   56.490
_cell.angle_alpha   90.000
_cell.angle_beta   90.000
_cell.angle_gamma   120.000
#
_symmetry.space_group_name_H-M   'P 61'
#
loop_
_entity.id
_entity.type
_entity.pdbx_description
1 polymer 'Kelch-like ECH-associated protein 1'
2 non-polymer 'SULFATE ION'
3 non-polymer '(3S)-1-(4-{[(2,3,5,6-tetramethylphenyl)sulfonyl]amino}naphthalen-1-yl)pyrrolidine-3-carboxylic acid'
4 water water
#
_entity_poly.entity_id   1
_entity_poly.type   'polypeptide(L)'
_entity_poly.pdbx_seq_one_letter_code
;MGHHHHHHHHGGGENLYFQGTLHKPTQAVPCRAPKVGRLIYTAGGYFRQSLSYLEAYNPSNGSWLRLADLQVPRSGLAGC
VVGGLLYAVGGRNNSPDGNTDSSALDCYNPMTNQWSPCASMSVPRNRIGVGVIDGHIYAVGGSHGCIHHSSVERYEPERD
EWHLVAPMLTRRIGVGVAVLNRLLYAVGGFDGTNRLNSAECYYPERNEWRMITPMNTIRSGAGVCVLHNCIYAAGGYDGQ
DQLNSVERYDVETETWTFVAPMRHHRSALGITVHQGKIYVLGGYDGHTFLDSVECYDPDSDTWSEVTRMTSGRSGVGVAV
TMEPCRKQIDQQNCTC
;
_entity_poly.pdbx_strand_id   A
#
loop_
_chem_comp.id
_chem_comp.type
_chem_comp.name
_chem_comp.formula
51M non-polymer '(3S)-1-(4-{[(2,3,5,6-tetramethylphenyl)sulfonyl]amino}naphthalen-1-yl)pyrrolidine-3-carboxylic acid' 'C25 H28 N2 O4 S'
SO4 non-polymer 'SULFATE ION' 'O4 S -2'
#
# COMPACT_ATOMS: atom_id res chain seq x y z
N VAL A 36 -17.04 7.06 -1.85
CA VAL A 36 -15.76 7.76 -1.59
C VAL A 36 -14.94 7.17 -0.40
N GLY A 37 -15.65 6.80 0.69
CA GLY A 37 -15.09 6.21 1.91
C GLY A 37 -16.14 5.64 2.85
N ARG A 38 -16.34 4.29 2.85
CA ARG A 38 -17.29 3.56 3.73
C ARG A 38 -16.97 2.05 4.03
N LEU A 39 -16.41 1.28 3.05
CA LEU A 39 -16.03 -0.14 3.17
C LEU A 39 -14.54 -0.34 2.94
N ILE A 40 -13.87 -1.25 3.71
CA ILE A 40 -12.43 -1.54 3.53
C ILE A 40 -12.32 -2.60 2.45
N TYR A 41 -11.78 -2.26 1.26
CA TYR A 41 -11.62 -3.20 0.14
C TYR A 41 -10.22 -3.85 0.08
N THR A 42 -10.17 -5.19 0.06
CA THR A 42 -8.91 -5.91 -0.08
C THR A 42 -8.78 -6.54 -1.47
N ALA A 43 -7.96 -5.91 -2.32
CA ALA A 43 -7.73 -6.36 -3.68
C ALA A 43 -6.46 -7.24 -3.79
N GLY A 44 -6.58 -8.33 -4.54
CA GLY A 44 -5.52 -9.27 -4.82
C GLY A 44 -4.87 -9.86 -3.60
N GLY A 45 -3.57 -10.13 -3.74
CA GLY A 45 -2.71 -10.68 -2.70
C GLY A 45 -2.00 -11.94 -3.15
N TYR A 46 -1.36 -12.65 -2.23
CA TYR A 46 -0.64 -13.90 -2.51
C TYR A 46 -0.69 -14.94 -1.37
N PHE A 47 -0.86 -16.21 -1.76
CA PHE A 47 -0.83 -17.43 -0.94
C PHE A 47 -0.71 -18.60 -1.92
N ARG A 48 0.52 -19.18 -1.97
CA ARG A 48 0.93 -20.26 -2.89
C ARG A 48 1.02 -19.74 -4.36
N GLN A 49 0.07 -18.89 -4.73
CA GLN A 49 0.08 -18.12 -5.97
C GLN A 49 -0.59 -16.74 -5.86
N SER A 50 -0.42 -15.89 -6.88
CA SER A 50 -1.01 -14.54 -6.90
C SER A 50 -2.55 -14.67 -7.07
N LEU A 51 -3.27 -14.24 -6.03
CA LEU A 51 -4.74 -14.23 -5.91
C LEU A 51 -5.39 -13.08 -6.65
N SER A 52 -6.64 -13.24 -7.05
CA SER A 52 -7.40 -12.25 -7.81
C SER A 52 -8.63 -11.80 -7.00
N TYR A 53 -8.76 -12.30 -5.75
CA TYR A 53 -9.87 -11.99 -4.83
C TYR A 53 -10.04 -10.50 -4.60
N LEU A 54 -11.32 -10.05 -4.47
CA LEU A 54 -11.71 -8.67 -4.18
C LEU A 54 -12.82 -8.67 -3.12
N GLU A 55 -12.42 -8.81 -1.87
CA GLU A 55 -13.35 -8.84 -0.75
C GLU A 55 -13.39 -7.50 -0.03
N ALA A 56 -14.58 -7.10 0.39
CA ALA A 56 -14.82 -5.88 1.15
C ALA A 56 -15.20 -6.28 2.60
N TYR A 57 -14.74 -5.50 3.61
CA TYR A 57 -15.03 -5.71 5.03
C TYR A 57 -15.88 -4.58 5.60
N ASN A 58 -16.94 -4.91 6.37
CA ASN A 58 -17.81 -3.91 7.01
C ASN A 58 -17.47 -3.82 8.48
N PRO A 59 -16.59 -2.85 8.92
CA PRO A 59 -16.23 -2.79 10.36
C PRO A 59 -17.42 -2.52 11.29
N SER A 60 -18.55 -2.05 10.68
CA SER A 60 -19.84 -1.70 11.28
C SER A 60 -20.70 -2.96 11.61
N ASN A 61 -20.30 -4.18 11.14
CA ASN A 61 -20.95 -5.48 11.40
C ASN A 61 -20.03 -6.71 11.23
N GLY A 62 -18.72 -6.44 11.09
CA GLY A 62 -17.65 -7.43 10.97
C GLY A 62 -17.69 -8.34 9.75
N SER A 63 -18.63 -8.07 8.81
CA SER A 63 -18.88 -8.88 7.59
C SER A 63 -17.86 -8.68 6.47
N TRP A 64 -17.67 -9.77 5.70
CA TRP A 64 -16.84 -9.83 4.51
C TRP A 64 -17.76 -10.09 3.29
N LEU A 65 -17.57 -9.35 2.19
CA LEU A 65 -18.36 -9.49 0.96
C LEU A 65 -17.45 -9.80 -0.25
N ARG A 66 -17.52 -11.02 -0.82
CA ARG A 66 -16.71 -11.31 -2.00
C ARG A 66 -17.37 -10.73 -3.25
N LEU A 67 -16.59 -9.93 -4.00
CA LEU A 67 -17.02 -9.24 -5.22
C LEU A 67 -16.16 -9.66 -6.46
N ALA A 68 -16.50 -9.00 -7.57
CA ALA A 68 -15.90 -9.21 -8.87
C ALA A 68 -14.41 -9.40 -8.79
N ASP A 69 -13.98 -10.61 -9.15
CA ASP A 69 -12.57 -10.97 -9.15
C ASP A 69 -11.77 -10.09 -10.12
N LEU A 70 -10.50 -9.85 -9.77
CA LEU A 70 -9.60 -9.04 -10.60
C LEU A 70 -9.37 -9.77 -11.93
N GLN A 71 -9.38 -9.03 -13.06
CA GLN A 71 -9.13 -9.62 -14.38
C GLN A 71 -7.86 -10.53 -14.44
N VAL A 72 -6.73 -10.01 -13.97
CA VAL A 72 -5.54 -10.82 -13.84
C VAL A 72 -5.19 -10.89 -12.38
N PRO A 73 -4.74 -12.05 -11.82
CA PRO A 73 -4.30 -12.03 -10.42
C PRO A 73 -3.04 -11.18 -10.26
N ARG A 74 -2.88 -10.52 -9.12
CA ARG A 74 -1.74 -9.65 -8.92
C ARG A 74 -1.33 -9.66 -7.46
N SER A 75 -0.06 -9.40 -7.22
CA SER A 75 0.44 -9.35 -5.84
C SER A 75 1.54 -8.31 -5.63
N GLY A 76 1.41 -7.61 -4.52
CA GLY A 76 2.34 -6.55 -4.18
C GLY A 76 1.99 -5.35 -5.01
N LEU A 77 0.67 -5.22 -5.29
CA LEU A 77 0.02 -4.13 -6.01
C LEU A 77 -0.39 -3.07 -4.99
N ALA A 78 -0.82 -1.92 -5.49
CA ALA A 78 -1.29 -0.83 -4.66
C ALA A 78 -2.78 -0.71 -4.90
N GLY A 79 -3.49 -0.24 -3.89
CA GLY A 79 -4.92 0.02 -3.97
C GLY A 79 -5.18 1.43 -3.56
N CYS A 80 -5.94 2.17 -4.35
CA CYS A 80 -6.26 3.54 -3.99
C CYS A 80 -7.68 3.89 -4.45
N VAL A 81 -8.23 4.99 -3.97
CA VAL A 81 -9.55 5.40 -4.40
C VAL A 81 -9.52 6.82 -4.91
N VAL A 82 -10.01 7.05 -6.15
CA VAL A 82 -10.12 8.41 -6.70
C VAL A 82 -11.50 8.67 -7.31
N GLY A 83 -12.28 9.46 -6.58
CA GLY A 83 -13.64 9.84 -6.94
C GLY A 83 -14.64 8.72 -6.89
N GLY A 84 -14.67 8.02 -5.76
CA GLY A 84 -15.58 6.89 -5.53
C GLY A 84 -15.20 5.61 -6.26
N LEU A 85 -14.26 5.72 -7.24
CA LEU A 85 -13.72 4.62 -8.02
C LEU A 85 -12.49 4.09 -7.30
N LEU A 86 -12.34 2.75 -7.27
CA LEU A 86 -11.21 2.03 -6.70
C LEU A 86 -10.24 1.64 -7.80
N TYR A 87 -8.94 1.90 -7.61
CA TYR A 87 -7.93 1.52 -8.60
C TYR A 87 -6.90 0.51 -8.05
N ALA A 88 -6.53 -0.45 -8.88
CA ALA A 88 -5.50 -1.41 -8.56
C ALA A 88 -4.31 -0.96 -9.41
N VAL A 89 -3.19 -0.63 -8.79
CA VAL A 89 -2.03 -0.18 -9.52
C VAL A 89 -0.93 -1.23 -9.40
N GLY A 90 -0.33 -1.59 -10.51
CA GLY A 90 0.82 -2.50 -10.54
C GLY A 90 0.66 -3.90 -9.97
N GLY A 91 1.76 -4.35 -9.36
CA GLY A 91 1.94 -5.68 -8.78
C GLY A 91 2.66 -6.62 -9.74
N ARG A 92 2.44 -7.93 -9.55
CA ARG A 92 3.00 -9.01 -10.35
C ARG A 92 2.07 -10.22 -10.27
N ASN A 93 2.04 -11.04 -11.33
CA ASN A 93 1.27 -12.27 -11.33
C ASN A 93 2.18 -13.49 -11.10
N ASN A 94 2.54 -13.79 -9.83
CA ASN A 94 3.36 -14.97 -9.53
C ASN A 94 2.46 -16.19 -9.74
N SER A 95 2.44 -16.73 -10.97
CA SER A 95 1.57 -17.86 -11.34
C SER A 95 2.34 -19.16 -11.54
N PRO A 96 1.67 -20.36 -11.58
CA PRO A 96 2.42 -21.62 -11.86
C PRO A 96 2.86 -21.73 -13.32
N ASP A 97 2.12 -21.07 -14.23
CA ASP A 97 2.37 -20.99 -15.66
C ASP A 97 3.37 -19.87 -16.02
N GLY A 98 3.95 -19.21 -15.01
CA GLY A 98 4.92 -18.13 -15.20
C GLY A 98 4.59 -16.79 -14.57
N ASN A 99 5.62 -16.20 -13.90
CA ASN A 99 5.61 -14.93 -13.16
C ASN A 99 5.88 -13.69 -14.02
N THR A 100 4.98 -12.69 -13.96
CA THR A 100 5.01 -11.47 -14.78
C THR A 100 4.58 -10.18 -14.04
N ASP A 101 5.57 -9.25 -13.83
CA ASP A 101 5.37 -7.93 -13.19
C ASP A 101 4.35 -7.08 -14.02
N SER A 102 3.56 -6.22 -13.35
CA SER A 102 2.51 -5.42 -14.01
C SER A 102 2.74 -3.93 -14.17
N SER A 103 2.26 -3.42 -15.29
CA SER A 103 2.28 -2.02 -15.68
C SER A 103 0.83 -1.52 -15.68
N ALA A 104 -0.11 -2.44 -15.42
CA ALA A 104 -1.53 -2.16 -15.47
C ALA A 104 -2.10 -1.31 -14.34
N LEU A 105 -3.19 -0.62 -14.66
CA LEU A 105 -3.92 0.17 -13.68
C LEU A 105 -5.41 -0.04 -13.90
N ASP A 106 -5.97 -1.04 -13.24
CA ASP A 106 -7.37 -1.39 -13.40
C ASP A 106 -8.27 -0.50 -12.56
N CYS A 107 -9.55 -0.45 -12.91
CA CYS A 107 -10.51 0.34 -12.17
C CYS A 107 -11.74 -0.51 -11.80
N TYR A 108 -12.16 -0.40 -10.55
CA TYR A 108 -13.33 -1.14 -10.05
C TYR A 108 -14.39 -0.17 -9.57
N ASN A 109 -15.64 -0.41 -9.97
CA ASN A 109 -16.75 0.45 -9.62
C ASN A 109 -17.72 -0.24 -8.69
N PRO A 110 -17.88 0.27 -7.45
CA PRO A 110 -18.84 -0.37 -6.53
C PRO A 110 -20.29 -0.45 -7.04
N MET A 111 -20.77 0.53 -7.89
CA MET A 111 -22.14 0.55 -8.45
C MET A 111 -22.40 -0.62 -9.41
N THR A 112 -21.51 -0.77 -10.41
CA THR A 112 -21.62 -1.78 -11.45
C THR A 112 -21.00 -3.11 -11.08
N ASN A 113 -20.13 -3.12 -10.05
CA ASN A 113 -19.36 -4.29 -9.64
C ASN A 113 -18.62 -4.92 -10.86
N GLN A 114 -17.82 -4.11 -11.54
CA GLN A 114 -17.08 -4.50 -12.73
C GLN A 114 -15.66 -3.91 -12.67
N TRP A 115 -14.68 -4.63 -13.25
CA TRP A 115 -13.30 -4.17 -13.37
C TRP A 115 -13.12 -3.66 -14.77
N SER A 116 -12.44 -2.51 -14.93
CA SER A 116 -12.23 -1.91 -16.26
C SER A 116 -10.75 -1.55 -16.50
N PRO A 117 -10.10 -2.18 -17.48
CA PRO A 117 -8.68 -1.86 -17.73
C PRO A 117 -8.51 -0.43 -18.21
N CYS A 118 -7.70 0.37 -17.47
CA CYS A 118 -7.35 1.76 -17.78
C CYS A 118 -5.89 1.81 -18.32
N ALA A 119 -5.47 3.02 -18.76
CA ALA A 119 -4.14 3.38 -19.28
C ALA A 119 -2.95 2.76 -18.52
N SER A 120 -2.04 2.05 -19.23
CA SER A 120 -0.92 1.43 -18.51
C SER A 120 0.26 2.33 -18.24
N MET A 121 0.90 2.09 -17.10
CA MET A 121 2.06 2.89 -16.68
C MET A 121 3.21 2.53 -17.57
N SER A 122 4.07 3.50 -17.90
CA SER A 122 5.20 3.26 -18.78
C SER A 122 5.98 1.99 -18.48
N VAL A 123 6.08 1.65 -17.19
CA VAL A 123 6.86 0.51 -16.77
C VAL A 123 6.12 -0.52 -15.90
N PRO A 124 6.55 -1.80 -15.76
CA PRO A 124 5.90 -2.67 -14.78
C PRO A 124 6.56 -2.29 -13.43
N ARG A 125 5.74 -2.34 -12.35
CA ARG A 125 6.10 -1.97 -10.96
C ARG A 125 5.47 -2.95 -9.95
N ASN A 126 6.27 -3.95 -9.53
CA ASN A 126 5.89 -4.95 -8.56
C ASN A 126 6.46 -4.49 -7.21
N ARG A 127 5.66 -4.64 -6.13
CA ARG A 127 5.98 -4.14 -4.78
C ARG A 127 5.97 -2.62 -4.91
N ILE A 128 4.88 -2.09 -5.49
CA ILE A 128 4.66 -0.68 -5.79
C ILE A 128 4.28 0.13 -4.51
N GLY A 129 4.24 1.44 -4.69
CA GLY A 129 3.82 2.42 -3.71
C GLY A 129 2.94 3.40 -4.43
N VAL A 130 1.77 3.69 -3.88
CA VAL A 130 0.87 4.64 -4.50
C VAL A 130 0.30 5.66 -3.49
N GLY A 131 0.09 6.87 -3.95
CA GLY A 131 -0.51 7.94 -3.17
C GLY A 131 -1.34 8.81 -4.08
N VAL A 132 -2.22 9.65 -3.51
CA VAL A 132 -3.07 10.52 -4.34
C VAL A 132 -2.91 11.95 -3.82
N ILE A 133 -2.65 12.89 -4.71
CA ILE A 133 -2.52 14.31 -4.39
C ILE A 133 -3.42 15.02 -5.41
N ASP A 134 -4.34 15.87 -4.96
CA ASP A 134 -5.26 16.61 -5.85
C ASP A 134 -5.90 15.72 -6.93
N GLY A 135 -6.52 14.62 -6.49
CA GLY A 135 -7.21 13.66 -7.35
C GLY A 135 -6.42 12.98 -8.46
N HIS A 136 -5.07 13.00 -8.33
CA HIS A 136 -4.12 12.36 -9.24
C HIS A 136 -3.36 11.26 -8.53
N ILE A 137 -3.32 10.09 -9.15
CA ILE A 137 -2.62 8.94 -8.59
C ILE A 137 -1.14 9.05 -8.90
N TYR A 138 -0.29 8.91 -7.89
CA TYR A 138 1.16 8.88 -8.10
C TYR A 138 1.62 7.43 -7.94
N ALA A 139 2.41 6.92 -8.90
CA ALA A 139 2.93 5.55 -8.79
C ALA A 139 4.44 5.55 -8.57
N VAL A 140 4.81 5.20 -7.36
CA VAL A 140 6.15 5.20 -6.80
C VAL A 140 6.90 3.87 -6.99
N GLY A 141 8.19 3.97 -7.27
CA GLY A 141 9.08 2.84 -7.37
C GLY A 141 8.49 1.55 -7.87
N GLY A 142 8.67 0.49 -7.10
CA GLY A 142 8.27 -0.84 -7.51
C GLY A 142 9.40 -1.48 -8.29
N SER A 143 9.40 -2.80 -8.35
CA SER A 143 10.45 -3.53 -9.10
C SER A 143 9.93 -4.14 -10.43
N HIS A 144 10.86 -4.30 -11.40
CA HIS A 144 10.60 -4.93 -12.71
C HIS A 144 11.76 -5.84 -12.97
N GLY A 145 11.54 -7.13 -12.95
CA GLY A 145 12.62 -8.10 -13.10
C GLY A 145 13.71 -7.78 -12.11
N CYS A 146 14.97 -7.78 -12.55
CA CYS A 146 16.05 -7.46 -11.61
C CYS A 146 16.18 -5.97 -11.24
N ILE A 147 15.63 -5.09 -12.09
CA ILE A 147 15.56 -3.64 -11.96
C ILE A 147 14.70 -3.23 -10.77
N HIS A 148 15.23 -2.26 -10.04
CA HIS A 148 14.60 -1.59 -8.93
C HIS A 148 14.38 -0.16 -9.42
N HIS A 149 13.13 0.30 -9.46
CA HIS A 149 12.83 1.64 -9.95
C HIS A 149 13.04 2.75 -8.93
N SER A 150 13.60 3.89 -9.39
CA SER A 150 13.75 5.13 -8.61
C SER A 150 12.63 6.11 -9.11
N SER A 151 12.11 5.79 -10.33
CA SER A 151 11.04 6.50 -11.02
C SER A 151 9.70 6.62 -10.26
N VAL A 152 8.94 7.65 -10.71
CA VAL A 152 7.61 8.08 -10.24
C VAL A 152 6.76 8.53 -11.43
N GLU A 153 5.51 8.08 -11.48
CA GLU A 153 4.56 8.44 -12.52
C GLU A 153 3.17 8.80 -12.02
N ARG A 154 2.57 9.82 -12.67
CA ARG A 154 1.32 10.43 -12.25
C ARG A 154 0.19 10.24 -13.23
N TYR A 155 -0.86 9.53 -12.79
CA TYR A 155 -2.04 9.30 -13.59
C TYR A 155 -3.02 10.44 -13.52
N GLU A 156 -3.56 10.84 -14.69
CA GLU A 156 -4.55 11.91 -14.81
C GLU A 156 -5.83 11.22 -15.27
N PRO A 157 -6.76 10.98 -14.36
CA PRO A 157 -7.97 10.20 -14.69
C PRO A 157 -8.89 10.91 -15.67
N GLU A 158 -8.79 12.23 -15.73
CA GLU A 158 -9.63 13.01 -16.63
C GLU A 158 -9.21 12.77 -18.07
N ARG A 159 -7.92 12.51 -18.28
CA ARG A 159 -7.38 12.30 -19.61
C ARG A 159 -7.03 10.84 -19.91
N ASP A 160 -6.92 10.05 -18.85
CA ASP A 160 -6.60 8.62 -18.98
C ASP A 160 -5.15 8.52 -19.51
N GLU A 161 -4.26 9.35 -18.91
CA GLU A 161 -2.84 9.48 -19.22
C GLU A 161 -1.96 9.24 -17.97
N TRP A 162 -0.72 8.84 -18.22
CA TRP A 162 0.30 8.54 -17.24
C TRP A 162 1.57 9.33 -17.66
N HIS A 163 2.06 10.21 -16.79
CA HIS A 163 3.26 10.99 -17.10
C HIS A 163 4.30 10.92 -16.00
N LEU A 164 5.55 10.58 -16.40
CA LEU A 164 6.65 10.51 -15.45
C LEU A 164 6.89 11.92 -14.95
N VAL A 165 7.30 11.99 -13.70
CA VAL A 165 7.66 13.18 -12.93
C VAL A 165 9.11 12.89 -12.45
N ALA A 166 9.76 13.85 -11.80
CA ALA A 166 11.11 13.66 -11.29
C ALA A 166 11.20 12.38 -10.48
N PRO A 167 12.33 11.61 -10.53
CA PRO A 167 12.41 10.37 -9.77
C PRO A 167 12.96 10.51 -8.36
N MET A 168 12.58 9.57 -7.48
CA MET A 168 13.05 9.53 -6.10
C MET A 168 14.51 9.51 -6.09
N LEU A 169 15.07 10.06 -5.02
CA LEU A 169 16.52 10.14 -4.85
C LEU A 169 17.17 8.75 -4.70
N THR A 170 16.37 7.78 -4.28
CA THR A 170 16.77 6.40 -4.03
C THR A 170 15.91 5.43 -4.83
N ARG A 171 16.44 4.24 -5.19
CA ARG A 171 15.63 3.19 -5.84
C ARG A 171 14.92 2.57 -4.66
N ARG A 172 13.65 2.22 -4.82
CA ARG A 172 12.89 1.67 -3.70
C ARG A 172 11.81 0.70 -4.14
N ILE A 173 11.88 -0.53 -3.61
CA ILE A 173 10.83 -1.51 -3.79
C ILE A 173 10.26 -1.86 -2.42
N GLY A 174 9.05 -2.41 -2.39
CA GLY A 174 8.40 -2.68 -1.12
C GLY A 174 8.28 -1.39 -0.34
N VAL A 175 8.16 -0.29 -1.09
CA VAL A 175 8.09 1.06 -0.54
C VAL A 175 6.72 1.40 0.05
N GLY A 176 6.74 2.23 1.09
CA GLY A 176 5.56 2.74 1.76
C GLY A 176 5.30 4.14 1.25
N VAL A 177 4.05 4.39 0.79
CA VAL A 177 3.66 5.71 0.27
C VAL A 177 2.45 6.31 0.96
N ALA A 178 2.61 7.56 1.36
CA ALA A 178 1.55 8.26 2.06
C ALA A 178 1.55 9.72 1.70
N VAL A 179 0.36 10.28 1.61
CA VAL A 179 0.16 11.67 1.29
C VAL A 179 -0.36 12.33 2.55
N LEU A 180 0.29 13.45 2.90
CA LEU A 180 -0.05 14.32 4.04
C LEU A 180 0.26 15.76 3.63
N ASN A 181 -0.75 16.63 3.76
CA ASN A 181 -0.69 18.04 3.36
C ASN A 181 -0.29 18.24 1.86
N ARG A 182 -0.88 17.40 0.97
CA ARG A 182 -0.65 17.41 -0.49
C ARG A 182 0.83 17.25 -0.88
N LEU A 183 1.54 16.40 -0.11
CA LEU A 183 2.94 16.01 -0.30
C LEU A 183 3.03 14.49 -0.21
N LEU A 184 3.73 13.91 -1.19
CA LEU A 184 3.95 12.46 -1.31
C LEU A 184 5.23 12.06 -0.58
N TYR A 185 5.12 11.01 0.28
CA TYR A 185 6.22 10.49 1.09
C TYR A 185 6.48 9.04 0.75
N ALA A 186 7.77 8.73 0.48
CA ALA A 186 8.26 7.39 0.14
C ALA A 186 9.08 6.89 1.35
N VAL A 187 8.51 5.90 2.07
CA VAL A 187 9.09 5.39 3.31
C VAL A 187 9.64 3.96 3.23
N GLY A 188 10.94 3.85 3.52
CA GLY A 188 11.67 2.59 3.57
C GLY A 188 11.87 1.94 2.22
N GLY A 189 11.61 0.63 2.17
CA GLY A 189 11.78 -0.16 0.96
C GLY A 189 13.10 -0.89 0.88
N PHE A 190 13.49 -1.30 -0.35
CA PHE A 190 14.75 -2.01 -0.64
C PHE A 190 15.36 -1.46 -1.94
N ASP A 191 16.60 -0.93 -1.86
CA ASP A 191 17.28 -0.31 -3.01
C ASP A 191 17.83 -1.22 -4.11
N GLY A 192 18.04 -2.48 -3.78
CA GLY A 192 18.66 -3.44 -4.68
C GLY A 192 19.74 -4.17 -3.91
N THR A 193 20.45 -3.44 -3.04
CA THR A 193 21.50 -3.96 -2.16
C THR A 193 21.08 -3.91 -0.69
N ASN A 194 20.61 -2.73 -0.25
CA ASN A 194 20.20 -2.48 1.12
C ASN A 194 18.70 -2.40 1.36
N ARG A 195 18.25 -2.87 2.54
CA ARG A 195 16.89 -2.65 3.01
C ARG A 195 16.96 -1.23 3.63
N LEU A 196 15.89 -0.41 3.43
CA LEU A 196 15.93 0.99 3.87
C LEU A 196 15.11 1.46 5.06
N ASN A 197 15.69 2.38 5.81
CA ASN A 197 15.12 3.04 6.98
C ASN A 197 14.86 4.47 6.51
N SER A 198 15.46 4.82 5.37
CA SER A 198 15.36 6.16 4.81
C SER A 198 14.00 6.44 4.21
N ALA A 199 13.69 7.72 4.17
CA ALA A 199 12.45 8.20 3.60
C ALA A 199 12.68 9.58 2.98
N GLU A 200 11.87 9.91 1.97
CA GLU A 200 11.95 11.17 1.27
C GLU A 200 10.56 11.70 0.97
N CYS A 201 10.48 13.02 0.80
CA CYS A 201 9.26 13.74 0.50
C CYS A 201 9.29 14.34 -0.91
N TYR A 202 8.14 14.34 -1.61
CA TYR A 202 8.04 14.96 -2.93
C TYR A 202 7.15 16.20 -2.86
N TYR A 203 7.66 17.37 -3.38
CA TYR A 203 6.94 18.67 -3.41
C TYR A 203 6.48 18.92 -4.84
N PRO A 204 5.22 18.55 -5.13
CA PRO A 204 4.73 18.58 -6.51
C PRO A 204 4.95 19.84 -7.33
N GLU A 205 4.79 21.03 -6.72
CA GLU A 205 4.99 22.26 -7.46
C GLU A 205 6.42 22.40 -7.99
N ARG A 206 7.44 22.23 -7.12
CA ARG A 206 8.86 22.27 -7.48
C ARG A 206 9.26 21.03 -8.28
N ASN A 207 8.41 19.96 -8.21
CA ASN A 207 8.66 18.66 -8.86
C ASN A 207 10.06 18.12 -8.44
N GLU A 208 10.25 17.97 -7.10
CA GLU A 208 11.50 17.51 -6.52
C GLU A 208 11.29 16.76 -5.24
N TRP A 209 12.26 15.89 -4.95
CA TRP A 209 12.32 15.03 -3.78
C TRP A 209 13.43 15.48 -2.83
N ARG A 210 13.12 15.61 -1.55
CA ARG A 210 14.12 15.93 -0.53
C ARG A 210 14.01 14.82 0.54
N MET A 211 15.15 14.41 1.16
CA MET A 211 15.14 13.39 2.22
C MET A 211 14.51 14.02 3.45
N ILE A 212 13.77 13.23 4.21
CA ILE A 212 13.19 13.64 5.50
C ILE A 212 13.90 12.83 6.58
N THR A 213 13.66 13.11 7.86
CA THR A 213 14.33 12.32 8.91
C THR A 213 14.19 10.81 8.70
N PRO A 214 15.31 10.04 8.75
CA PRO A 214 15.19 8.58 8.60
C PRO A 214 14.52 7.95 9.82
N MET A 215 13.91 6.78 9.59
CA MET A 215 13.24 6.01 10.61
C MET A 215 14.22 5.48 11.65
N ASN A 216 13.71 5.10 12.80
CA ASN A 216 14.58 4.54 13.80
C ASN A 216 14.95 3.11 13.39
N THR A 217 14.03 2.41 12.69
CA THR A 217 14.19 1.02 12.22
C THR A 217 14.30 0.94 10.69
N ILE A 218 15.02 -0.09 10.16
CA ILE A 218 15.10 -0.42 8.72
C ILE A 218 13.77 -1.16 8.41
N ARG A 219 13.03 -0.70 7.37
CA ARG A 219 11.76 -1.33 7.04
C ARG A 219 11.51 -1.61 5.55
N SER A 220 11.76 -2.84 5.12
CA SER A 220 11.44 -3.25 3.76
C SER A 220 10.13 -4.01 3.87
N GLY A 221 9.16 -3.61 3.08
CA GLY A 221 7.84 -4.23 3.11
C GLY A 221 7.00 -3.79 4.29
N ALA A 222 7.11 -2.50 4.62
CA ALA A 222 6.35 -1.81 5.67
C ALA A 222 4.85 -1.71 5.32
N GLY A 223 4.09 -1.12 6.23
CA GLY A 223 2.68 -0.81 6.09
C GLY A 223 2.56 0.67 6.44
N VAL A 224 2.61 1.53 5.40
CA VAL A 224 2.60 2.98 5.57
C VAL A 224 1.27 3.68 5.23
N CYS A 225 0.73 4.42 6.22
CA CYS A 225 -0.43 5.28 6.06
C CYS A 225 -0.33 6.56 6.87
N VAL A 226 -1.32 7.46 6.70
CA VAL A 226 -1.34 8.75 7.37
C VAL A 226 -2.54 8.76 8.24
N LEU A 227 -2.36 9.09 9.53
CA LEU A 227 -3.46 9.27 10.49
C LEU A 227 -3.18 10.58 11.20
N HIS A 228 -4.17 11.52 11.16
CA HIS A 228 -4.12 12.91 11.64
C HIS A 228 -3.01 13.71 10.96
N ASN A 229 -1.91 13.93 11.68
CA ASN A 229 -0.76 14.66 11.16
C ASN A 229 0.52 13.85 11.26
N CYS A 230 0.35 12.55 11.51
CA CYS A 230 1.49 11.67 11.63
C CYS A 230 1.54 10.57 10.54
N ILE A 231 2.76 10.18 10.10
CA ILE A 231 2.94 9.14 9.06
C ILE A 231 3.45 7.84 9.69
N TYR A 232 2.57 6.83 9.76
CA TYR A 232 2.83 5.55 10.39
C TYR A 232 3.47 4.60 9.45
N ALA A 233 4.53 3.93 9.90
CA ALA A 233 5.29 2.91 9.17
C ALA A 233 5.30 1.74 10.12
N ALA A 234 4.39 0.77 9.88
CA ALA A 234 4.18 -0.41 10.73
C ALA A 234 4.73 -1.71 10.15
N GLY A 235 5.44 -2.49 10.97
CA GLY A 235 6.03 -3.76 10.57
C GLY A 235 7.05 -3.65 9.45
N GLY A 236 7.20 -4.72 8.67
CA GLY A 236 8.11 -4.76 7.55
C GLY A 236 9.13 -5.86 7.77
N TYR A 237 10.34 -5.69 7.22
CA TYR A 237 11.44 -6.62 7.32
C TYR A 237 12.71 -5.82 7.41
N ASP A 238 13.50 -6.01 8.48
CA ASP A 238 14.76 -5.26 8.72
C ASP A 238 16.01 -6.00 8.16
N GLY A 239 15.81 -6.88 7.19
CA GLY A 239 16.91 -7.68 6.66
C GLY A 239 17.03 -9.03 7.36
N GLN A 240 16.66 -9.11 8.67
CA GLN A 240 16.71 -10.38 9.42
C GLN A 240 15.40 -10.99 9.93
N ASP A 241 14.41 -10.18 10.39
CA ASP A 241 13.12 -10.69 10.86
C ASP A 241 11.91 -9.79 10.57
N GLN A 242 10.68 -10.35 10.57
CA GLN A 242 9.43 -9.58 10.40
C GLN A 242 9.19 -8.71 11.61
N LEU A 243 8.91 -7.45 11.40
CA LEU A 243 8.72 -6.50 12.48
C LEU A 243 7.27 -6.42 12.98
N ASN A 244 7.10 -5.96 14.24
CA ASN A 244 5.77 -5.72 14.84
C ASN A 244 5.74 -4.24 15.24
N SER A 245 6.95 -3.61 15.34
CA SER A 245 7.08 -2.20 15.71
C SER A 245 6.33 -1.29 14.74
N VAL A 246 5.76 -0.21 15.29
CA VAL A 246 4.97 0.76 14.57
C VAL A 246 5.55 2.11 14.99
N GLU A 247 6.16 2.81 14.05
CA GLU A 247 6.68 4.13 14.38
C GLU A 247 6.02 5.22 13.52
N ARG A 248 5.79 6.39 14.09
CA ARG A 248 5.17 7.43 13.31
C ARG A 248 6.07 8.61 13.14
N TYR A 249 5.93 9.29 12.00
CA TYR A 249 6.66 10.52 11.73
C TYR A 249 5.68 11.66 11.99
N ASP A 250 6.11 12.62 12.82
CA ASP A 250 5.35 13.81 13.11
C ASP A 250 6.04 14.87 12.25
N VAL A 251 5.30 15.45 11.26
CA VAL A 251 5.81 16.46 10.30
C VAL A 251 6.35 17.72 10.95
N GLU A 252 5.56 18.29 11.90
CA GLU A 252 5.89 19.46 12.69
C GLU A 252 7.27 19.23 13.34
N THR A 253 7.33 18.30 14.30
CA THR A 253 8.52 17.94 15.06
C THR A 253 9.64 17.29 14.26
N GLU A 254 9.34 16.75 13.03
CA GLU A 254 10.27 16.04 12.11
C GLU A 254 10.91 14.75 12.75
N THR A 255 10.24 14.15 13.74
CA THR A 255 10.80 13.00 14.41
C THR A 255 9.91 11.79 14.45
N TRP A 256 10.55 10.66 14.13
CA TRP A 256 9.97 9.33 14.15
C TRP A 256 9.92 8.89 15.60
N THR A 257 8.82 8.26 16.01
CA THR A 257 8.60 7.77 17.37
C THR A 257 7.87 6.43 17.38
N PHE A 258 8.29 5.54 18.24
CA PHE A 258 7.63 4.26 18.35
C PHE A 258 6.33 4.41 19.07
N VAL A 259 5.36 3.52 18.80
CA VAL A 259 4.05 3.48 19.46
C VAL A 259 3.79 2.02 19.80
N ALA A 260 2.66 1.73 20.49
CA ALA A 260 2.19 0.38 20.81
C ALA A 260 2.49 -0.60 19.63
N PRO A 261 3.27 -1.69 19.81
CA PRO A 261 3.52 -2.59 18.68
C PRO A 261 2.26 -3.36 18.33
N MET A 262 2.26 -3.96 17.13
CA MET A 262 1.18 -4.80 16.62
C MET A 262 1.21 -6.15 17.36
N ARG A 263 0.02 -6.83 17.42
CA ARG A 263 -0.10 -8.16 18.04
C ARG A 263 0.90 -9.09 17.33
N HIS A 264 0.84 -9.16 15.99
CA HIS A 264 1.75 -10.00 15.22
C HIS A 264 2.86 -9.27 14.49
N HIS A 265 3.90 -10.02 14.16
CA HIS A 265 5.00 -9.54 13.35
C HIS A 265 4.50 -9.70 11.85
N ARG A 266 4.68 -8.65 11.02
CA ARG A 266 4.22 -8.66 9.62
C ARG A 266 5.09 -7.85 8.66
N SER A 267 5.37 -8.44 7.50
CA SER A 267 6.02 -7.83 6.33
C SER A 267 5.01 -8.09 5.23
N ALA A 268 5.06 -7.34 4.13
CA ALA A 268 4.09 -7.52 3.01
C ALA A 268 2.60 -7.52 3.47
N LEU A 269 2.26 -6.48 4.25
CA LEU A 269 0.95 -6.28 4.87
C LEU A 269 0.11 -5.20 4.18
N GLY A 270 -1.20 -5.24 4.44
CA GLY A 270 -2.16 -4.26 3.94
C GLY A 270 -2.37 -3.24 5.03
N ILE A 271 -2.53 -1.96 4.66
CA ILE A 271 -2.75 -0.88 5.62
C ILE A 271 -3.77 0.07 5.00
N THR A 272 -4.62 0.66 5.85
CA THR A 272 -5.62 1.65 5.46
C THR A 272 -6.06 2.36 6.73
N VAL A 273 -6.75 3.50 6.59
CA VAL A 273 -7.29 4.29 7.69
C VAL A 273 -8.79 4.40 7.49
N HIS A 274 -9.53 4.08 8.52
CA HIS A 274 -10.97 4.18 8.46
C HIS A 274 -11.54 4.60 9.79
N GLN A 275 -12.18 5.80 9.79
CA GLN A 275 -12.84 6.42 10.93
C GLN A 275 -11.84 6.58 12.07
N GLY A 276 -10.73 7.25 11.76
CA GLY A 276 -9.63 7.56 12.68
C GLY A 276 -8.99 6.38 13.39
N LYS A 277 -8.89 5.24 12.67
CA LYS A 277 -8.30 3.98 13.14
C LYS A 277 -7.50 3.31 11.98
N ILE A 278 -6.19 3.03 12.19
CA ILE A 278 -5.33 2.29 11.25
C ILE A 278 -5.76 0.80 11.27
N TYR A 279 -5.98 0.20 10.09
CA TYR A 279 -6.29 -1.24 10.01
C TYR A 279 -5.18 -1.93 9.20
N VAL A 280 -4.49 -2.93 9.83
CA VAL A 280 -3.47 -3.77 9.15
C VAL A 280 -4.15 -5.04 8.62
N LEU A 281 -3.73 -5.53 7.44
CA LEU A 281 -4.38 -6.68 6.80
C LEU A 281 -3.42 -7.74 6.34
N GLY A 282 -3.41 -8.85 7.05
CA GLY A 282 -2.59 -10.02 6.71
C GLY A 282 -1.11 -9.79 6.69
N GLY A 283 -0.47 -10.37 5.69
CA GLY A 283 0.97 -10.28 5.51
C GLY A 283 1.69 -11.58 5.86
N TYR A 284 3.01 -11.52 5.96
CA TYR A 284 3.79 -12.71 6.27
C TYR A 284 4.48 -12.50 7.58
N ASP A 285 4.38 -13.49 8.51
CA ASP A 285 4.99 -13.41 9.86
C ASP A 285 6.38 -14.02 9.99
N GLY A 286 6.77 -14.83 9.02
CA GLY A 286 8.05 -15.53 9.04
C GLY A 286 7.82 -17.03 9.01
N HIS A 287 6.61 -17.44 9.39
CA HIS A 287 6.13 -18.81 9.46
C HIS A 287 4.88 -18.99 8.56
N THR A 288 3.93 -18.03 8.58
CA THR A 288 2.65 -18.07 7.86
C THR A 288 2.21 -16.77 7.20
N PHE A 289 1.29 -16.89 6.21
CA PHE A 289 0.59 -15.79 5.53
C PHE A 289 -0.72 -15.60 6.32
N LEU A 290 -0.73 -14.59 7.21
CA LEU A 290 -1.81 -14.28 8.14
C LEU A 290 -3.14 -13.94 7.50
N ASP A 291 -4.22 -14.26 8.22
CA ASP A 291 -5.60 -13.89 7.91
C ASP A 291 -5.93 -12.70 8.85
N SER A 292 -5.08 -12.54 9.89
CA SER A 292 -5.08 -11.54 10.96
C SER A 292 -5.24 -10.08 10.48
N VAL A 293 -6.36 -9.43 10.91
CA VAL A 293 -6.73 -8.02 10.66
C VAL A 293 -6.75 -7.29 12.03
N GLU A 294 -5.84 -6.31 12.27
CA GLU A 294 -5.73 -5.54 13.53
C GLU A 294 -6.13 -4.05 13.36
N CYS A 295 -6.78 -3.44 14.39
CA CYS A 295 -7.14 -2.01 14.35
C CYS A 295 -6.36 -1.26 15.39
N TYR A 296 -5.89 -0.05 15.04
CA TYR A 296 -5.14 0.80 15.98
C TYR A 296 -5.93 2.01 16.38
N ASP A 297 -6.27 2.09 17.68
CA ASP A 297 -6.94 3.24 18.30
C ASP A 297 -5.78 4.15 18.77
N PRO A 298 -5.54 5.30 18.09
CA PRO A 298 -4.38 6.12 18.45
C PRO A 298 -4.67 6.80 19.78
N ASP A 299 -5.98 7.07 20.06
CA ASP A 299 -6.47 7.71 21.28
C ASP A 299 -6.09 6.84 22.47
N SER A 300 -6.53 5.58 22.41
CA SER A 300 -6.17 4.55 23.41
C SER A 300 -4.77 3.82 23.31
N ASP A 301 -3.92 4.22 22.32
CA ASP A 301 -2.63 3.61 21.98
C ASP A 301 -2.68 2.08 22.07
N THR A 302 -3.64 1.46 21.31
CA THR A 302 -3.81 0.00 21.27
C THR A 302 -4.24 -0.64 19.98
N TRP A 303 -3.59 -1.78 19.70
CA TRP A 303 -3.85 -2.65 18.57
C TRP A 303 -4.80 -3.71 19.05
N SER A 304 -5.81 -4.01 18.23
CA SER A 304 -6.80 -5.03 18.56
C SER A 304 -7.21 -5.89 17.38
N GLU A 305 -7.33 -7.19 17.60
CA GLU A 305 -7.73 -8.18 16.60
C GLU A 305 -9.18 -7.83 16.23
N VAL A 306 -9.43 -7.42 14.98
CA VAL A 306 -10.77 -7.01 14.59
C VAL A 306 -11.62 -8.02 13.88
N THR A 307 -10.98 -8.77 12.98
CA THR A 307 -11.55 -9.85 12.17
C THR A 307 -10.38 -10.67 11.65
N ARG A 308 -10.67 -11.42 10.60
CA ARG A 308 -9.75 -12.22 9.86
C ARG A 308 -10.37 -12.36 8.49
N MET A 309 -9.53 -12.16 7.45
CA MET A 309 -9.89 -12.30 6.04
C MET A 309 -10.19 -13.80 5.82
N THR A 310 -11.17 -14.06 4.91
CA THR A 310 -11.63 -15.38 4.46
C THR A 310 -10.39 -16.28 4.31
N SER A 311 -9.49 -15.95 3.36
CA SER A 311 -8.21 -16.60 3.17
C SER A 311 -7.06 -15.76 3.80
N GLY A 312 -6.04 -16.42 4.34
CA GLY A 312 -4.84 -15.75 4.84
C GLY A 312 -3.99 -15.48 3.61
N ARG A 313 -3.27 -14.33 3.56
CA ARG A 313 -2.48 -13.90 2.37
C ARG A 313 -1.56 -12.71 2.66
N SER A 314 -0.63 -12.41 1.72
CA SER A 314 0.30 -11.28 1.82
C SER A 314 0.34 -10.46 0.52
N GLY A 315 0.90 -9.26 0.59
CA GLY A 315 1.00 -8.38 -0.56
C GLY A 315 -0.34 -7.91 -1.10
N VAL A 316 -1.30 -7.63 -0.21
CA VAL A 316 -2.60 -7.15 -0.67
C VAL A 316 -2.67 -5.64 -0.98
N GLY A 317 -3.56 -5.26 -1.89
CA GLY A 317 -3.86 -3.88 -2.25
C GLY A 317 -5.08 -3.52 -1.46
N VAL A 318 -5.03 -2.41 -0.71
CA VAL A 318 -6.15 -2.05 0.18
C VAL A 318 -6.59 -0.61 0.03
N ALA A 319 -7.89 -0.44 -0.21
CA ALA A 319 -8.47 0.89 -0.30
C ALA A 319 -9.87 0.97 0.36
N VAL A 320 -10.31 2.20 0.72
CA VAL A 320 -11.61 2.44 1.36
C VAL A 320 -12.47 3.38 0.48
N THR A 321 -13.66 2.88 0.11
CA THR A 321 -14.68 3.58 -0.65
C THR A 321 -16.09 3.09 -0.31
N MET A 322 -17.10 3.70 -0.95
CA MET A 322 -18.52 3.40 -0.82
C MET A 322 -18.90 1.92 -0.98
N GLU A 323 -20.04 1.52 -0.42
CA GLU A 323 -20.49 0.15 -0.51
C GLU A 323 -20.95 -0.15 -1.93
N PRO A 324 -21.09 -1.52 -2.24
CA PRO A 324 -21.55 -1.74 -3.62
C PRO A 324 -23.06 -1.96 -3.65
N CYS A 325 -23.80 -0.85 -3.82
CA CYS A 325 -25.25 -0.90 -3.85
C CYS A 325 -25.78 -0.08 -5.03
S SO4 B . -13.41 6.91 6.38
O1 SO4 B . -12.23 7.38 7.11
O2 SO4 B . -13.17 5.62 5.76
O3 SO4 B . -13.74 7.83 5.28
O4 SO4 B . -14.56 6.79 7.29
S SO4 C . 14.26 3.19 -13.41
O1 SO4 C . 14.48 1.78 -13.10
O2 SO4 C . 15.10 3.64 -14.56
O3 SO4 C . 14.57 3.98 -12.19
O4 SO4 C . 12.82 3.34 -13.75
S SO4 D . 19.22 -2.11 -9.71
O1 SO4 D . 19.21 -3.53 -9.36
O2 SO4 D . 20.49 -1.82 -10.35
O3 SO4 D . 19.10 -1.33 -8.49
O4 SO4 D . 18.13 -1.82 -10.64
S SO4 E . 7.66 -10.65 -5.74
O1 SO4 E . 7.93 -12.04 -5.39
O2 SO4 E . 8.71 -10.17 -6.64
O3 SO4 E . 7.65 -9.83 -4.54
O4 SO4 E . 6.33 -10.55 -6.38
C1 51M F . 7.34 -10.25 -1.28
C2 51M F . 8.31 -9.59 -0.50
C3 51M F . 8.12 -8.30 -0.11
C7 51M F . 4.82 -7.53 -1.66
C8 51M F . 4.62 -6.24 -1.27
C9 51M F . 5.59 -5.59 -0.49
C10 51M F . 6.72 -6.24 -0.10
C12 51M F . 10.49 -7.93 0.39
C13 51M F . 10.99 -8.70 1.61
C14 51M F . 10.21 -8.09 2.77
C15 51M F . 8.86 -7.69 2.18
C16 51M F . 12.47 -8.54 1.82
O17 51M F . 13.15 -7.55 1.64
C21 51M F . 5.29 -12.69 -1.47
C24 51M F . 5.65 -12.85 -0.11
C27 51M F . 6.70 -14.63 -1.98
C30 51M F . 6.92 -14.05 1.71
C31 51M F . 7.29 -15.60 -2.93
C32 51M F . 5.53 -13.55 -3.83
C4 51M F . 6.20 -9.58 -1.67
C5 51M F . 6.94 -7.59 -0.49
C6 51M F . 5.99 -8.24 -1.27
N11 51M F . 9.07 -7.59 0.70
O18 51M F . 13.04 -9.67 2.26
N19 51M F . 5.24 -10.27 -2.46
S20 51M F . 4.26 -11.49 -1.98
O22 51M F . 3.50 -10.95 -0.92
O23 51M F . 3.50 -11.92 -3.08
C25 51M F . 6.52 -13.87 0.29
C26 51M F . 7.04 -14.75 -0.65
C28 51M F . 5.83 -13.61 -2.39
C29 51M F . 5.15 -11.95 0.97
#